data_8ZUH
#
_entry.id   8ZUH
#
_cell.length_a   115.720
_cell.length_b   115.720
_cell.length_c   110.384
_cell.angle_alpha   90.000
_cell.angle_beta   90.000
_cell.angle_gamma   90.000
#
_symmetry.space_group_name_H-M   'P 41'
#
loop_
_entity.id
_entity.type
_entity.pdbx_description
1 polymer 'F-box only protein 6'
2 polymer 'S-phase kinase-associated protein 1'
3 branched alpha-D-mannopyranose-(1-3)-[alpha-D-mannopyranose-(1-6)]beta-D-mannopyranose-(1-4)-2-acetamido-2-deoxy-beta-D-glucopyranose-(1-4)-2-acetamido-2-deoxy-beta-D-glucopyranose
4 water water
#
loop_
_entity_poly.entity_id
_entity_poly.type
_entity_poly.pdbx_seq_one_letter_code
_entity_poly.pdbx_strand_id
1 'polypeptide(L)'
;MALVSINQLPENILLEVFMHVPARQLLRNCRPVCCLWRDLIDLVSLWKRKCLREGYVTEDWDQPVSDWKVFYFLCSLRRN
LLRNPCAEEDMKSWKIDSNGGDQWKVESLPGAHGTGFPDSKVKKYFVTSYDMCLKSQIIDLKAEGYWEELLDKFRPDIVV
KDWFAPRADCGCTYQIRVQLASADYLVLASFEPPPVTIHQWNDAKWTEVSHTFSDYPPGVRHIFFQHGGKDTQFWAGWYG
PRVTNSSVVISHRVTRNPPHAMAQP
;
A,C
2 'polypeptide(L)'
;GPHMPSIKLQSSDGEIFEVDVEIAKQSVTIKTMLEDLGMDDEGDDDPVPLPNVNAAILKKVIQWCTHHKDDPPPPEDDEN
KEKRTDDIPVWDQEFLKVDQGTLFELILAANYLDIKGLLDVTCKTVANMIKGKTPEEIRKTFNIKNDFTEEEEAQVRKEN
QWCEEK
;
B
#
# COMPACT_ATOMS: atom_id res chain seq x y z
N ILE A 6 20.29 12.13 10.42
CA ILE A 6 19.47 12.48 9.26
C ILE A 6 19.89 13.81 8.67
N ASN A 7 20.03 14.82 9.53
CA ASN A 7 20.65 16.06 9.08
C ASN A 7 22.14 15.88 8.84
N GLN A 8 22.66 14.66 9.02
CA GLN A 8 23.98 14.28 8.54
C GLN A 8 24.09 14.40 7.01
N LEU A 9 22.95 14.44 6.29
CA LEU A 9 22.87 14.33 4.84
C LEU A 9 23.23 15.63 4.12
N PRO A 10 23.61 15.56 2.84
CA PRO A 10 23.84 16.78 2.06
C PRO A 10 22.57 17.58 1.85
N GLU A 11 22.75 18.88 1.60
CA GLU A 11 21.60 19.74 1.36
C GLU A 11 20.84 19.27 0.12
N ASN A 12 21.56 18.88 -0.93
CA ASN A 12 20.89 18.41 -2.15
C ASN A 12 20.07 17.16 -1.87
N ILE A 13 20.62 16.23 -1.09
CA ILE A 13 19.94 14.96 -0.82
C ILE A 13 18.73 15.18 0.07
N LEU A 14 18.87 16.03 1.08
CA LEU A 14 17.73 16.41 1.90
C LEU A 14 16.61 16.96 1.04
N LEU A 15 16.95 17.78 0.04
CA LEU A 15 15.93 18.29 -0.87
C LEU A 15 15.23 17.16 -1.60
N GLU A 16 15.99 16.16 -2.05
CA GLU A 16 15.38 15.07 -2.82
C GLU A 16 14.39 14.27 -1.98
N VAL A 17 14.66 14.08 -0.69
CA VAL A 17 13.69 13.44 0.20
C VAL A 17 12.42 14.26 0.29
N PHE A 18 12.57 15.58 0.49
CA PHE A 18 11.42 16.49 0.57
C PHE A 18 10.58 16.43 -0.68
N MET A 19 11.20 16.21 -1.83
CA MET A 19 10.42 16.07 -3.06
C MET A 19 9.34 14.99 -2.94
N HIS A 20 9.66 13.86 -2.33
CA HIS A 20 8.76 12.72 -2.25
C HIS A 20 7.75 12.82 -1.10
N VAL A 21 7.65 13.96 -0.44
CA VAL A 21 6.73 14.14 0.68
C VAL A 21 5.50 14.88 0.18
N PRO A 22 4.29 14.40 0.48
CA PRO A 22 3.08 15.13 0.10
C PRO A 22 3.13 16.57 0.57
N ALA A 23 2.77 17.50 -0.33
CA ALA A 23 3.06 18.91 -0.08
C ALA A 23 2.35 19.41 1.17
N ARG A 24 1.07 19.05 1.35
CA ARG A 24 0.36 19.50 2.56
C ARG A 24 1.05 19.00 3.82
N GLN A 25 1.65 17.80 3.77
CA GLN A 25 2.48 17.32 4.88
C GLN A 25 3.75 18.13 4.99
N LEU A 26 4.43 18.29 3.87
CA LEU A 26 5.73 18.93 3.85
C LEU A 26 5.69 20.36 4.38
N LEU A 27 4.53 21.01 4.38
CA LEU A 27 4.41 22.41 4.77
C LEU A 27 3.90 22.59 6.18
N ARG A 28 2.94 21.80 6.63
CA ARG A 28 2.39 22.02 7.96
C ARG A 28 3.07 21.17 9.03
N ASN A 29 3.90 20.20 8.63
CA ASN A 29 4.61 19.34 9.56
C ASN A 29 6.11 19.45 9.45
N CYS A 30 6.66 19.35 8.24
CA CYS A 30 8.11 19.33 8.07
C CYS A 30 8.74 20.70 8.21
N ARG A 31 7.99 21.77 8.05
CA ARG A 31 8.56 23.09 8.15
C ARG A 31 8.80 23.51 9.60
N PRO A 32 7.87 23.28 10.54
CA PRO A 32 8.16 23.58 11.95
C PRO A 32 9.06 22.57 12.63
N VAL A 33 9.73 21.66 11.90
CA VAL A 33 10.64 20.73 12.54
C VAL A 33 11.90 21.46 13.01
N CYS A 34 12.45 22.32 12.17
CA CYS A 34 13.67 23.06 12.50
C CYS A 34 13.92 24.07 11.39
N CYS A 35 14.76 25.06 11.71
CA CYS A 35 15.16 26.03 10.68
C CYS A 35 15.82 25.32 9.51
N LEU A 36 16.70 24.37 9.81
CA LEU A 36 17.45 23.69 8.76
C LEU A 36 16.52 23.14 7.69
N TRP A 37 15.36 22.64 8.12
CA TRP A 37 14.35 22.07 7.22
C TRP A 37 13.46 23.15 6.60
N ARG A 38 12.94 24.04 7.44
CA ARG A 38 12.07 25.13 7.00
C ARG A 38 12.71 25.95 5.88
N ASP A 39 14.00 26.26 6.00
CA ASP A 39 14.68 27.04 4.98
C ASP A 39 14.67 26.32 3.64
N LEU A 40 14.91 25.01 3.67
CA LEU A 40 14.95 24.21 2.44
C LEU A 40 13.57 24.03 1.83
N ILE A 41 12.55 23.79 2.67
CA ILE A 41 11.22 23.53 2.13
C ILE A 41 10.70 24.75 1.37
N ASP A 42 11.00 25.94 1.88
CA ASP A 42 10.52 27.17 1.25
C ASP A 42 11.39 27.62 0.11
N LEU A 43 12.27 26.76 -0.38
CA LEU A 43 13.17 27.08 -1.47
C LEU A 43 12.46 26.80 -2.79
N VAL A 44 12.49 27.77 -3.70
CA VAL A 44 11.73 27.63 -4.96
C VAL A 44 12.14 26.39 -5.71
N SER A 45 13.41 25.97 -5.60
CA SER A 45 13.83 24.84 -6.41
C SER A 45 13.23 23.54 -5.93
N LEU A 46 12.76 23.49 -4.68
CA LEU A 46 11.96 22.33 -4.27
C LEU A 46 10.73 22.20 -5.15
N TRP A 47 9.95 23.27 -5.24
CA TRP A 47 8.67 23.23 -5.93
C TRP A 47 8.84 23.11 -7.44
N LYS A 48 9.79 23.84 -8.02
CA LYS A 48 10.13 23.65 -9.43
C LYS A 48 10.39 22.19 -9.74
N ARG A 49 11.21 21.55 -8.93
CA ARG A 49 11.56 20.15 -9.19
C ARG A 49 10.41 19.23 -8.86
N LYS A 50 9.54 19.60 -7.92
CA LYS A 50 8.30 18.86 -7.77
C LYS A 50 7.47 18.91 -9.04
N CYS A 51 7.26 20.12 -9.56
CA CYS A 51 6.53 20.25 -10.82
C CYS A 51 7.23 19.49 -11.92
N LEU A 52 8.54 19.62 -12.00
CA LEU A 52 9.34 18.86 -12.96
C LEU A 52 9.05 17.37 -12.88
N ARG A 53 9.22 16.79 -11.70
CA ARG A 53 9.07 15.34 -11.56
C ARG A 53 7.63 14.93 -11.78
N GLU A 54 6.70 15.66 -11.18
CA GLU A 54 5.28 15.36 -11.34
C GLU A 54 4.80 15.51 -12.78
N GLY A 55 5.54 16.26 -13.61
CA GLY A 55 5.16 16.48 -14.99
C GLY A 55 4.43 17.77 -15.27
N TYR A 56 4.15 18.58 -14.24
CA TYR A 56 3.42 19.82 -14.45
C TYR A 56 4.19 20.79 -15.33
N VAL A 57 5.52 20.70 -15.31
CA VAL A 57 6.39 21.63 -16.01
C VAL A 57 7.40 20.82 -16.81
N THR A 58 7.58 21.20 -18.07
CA THR A 58 8.62 20.67 -18.92
C THR A 58 9.85 21.58 -18.84
N GLU A 59 11.02 21.01 -19.16
CA GLU A 59 12.24 21.81 -19.07
C GLU A 59 12.27 22.94 -20.09
N ASP A 60 11.39 22.90 -21.09
CA ASP A 60 11.15 24.04 -21.97
C ASP A 60 10.00 24.88 -21.43
N TRP A 61 10.05 25.27 -20.16
CA TRP A 61 8.84 25.72 -19.49
C TRP A 61 8.32 27.02 -20.05
N ASP A 62 9.13 28.08 -20.07
CA ASP A 62 8.89 29.19 -20.97
C ASP A 62 7.75 30.12 -20.55
N GLN A 63 7.23 30.00 -19.33
CA GLN A 63 6.15 30.88 -18.91
C GLN A 63 6.23 31.22 -17.44
N PRO A 64 6.39 32.50 -17.07
CA PRO A 64 6.73 32.84 -15.68
C PRO A 64 5.61 32.49 -14.71
N VAL A 65 5.99 32.20 -13.47
CA VAL A 65 5.01 32.09 -12.38
C VAL A 65 5.50 32.95 -11.22
N SER A 66 4.56 33.68 -10.60
CA SER A 66 4.96 34.53 -9.49
C SER A 66 5.14 33.73 -8.22
N ASP A 67 4.70 32.48 -8.21
CA ASP A 67 4.75 31.65 -7.02
C ASP A 67 4.66 30.18 -7.41
N TRP A 68 5.66 29.39 -7.03
CA TRP A 68 5.72 28.01 -7.47
C TRP A 68 5.02 27.05 -6.52
N LYS A 69 4.94 27.42 -5.25
CA LYS A 69 4.15 26.61 -4.32
C LYS A 69 2.68 26.58 -4.74
N VAL A 70 2.09 27.76 -4.93
CA VAL A 70 0.71 27.84 -5.41
C VAL A 70 0.60 27.16 -6.76
N PHE A 71 1.45 27.55 -7.69
CA PHE A 71 1.41 26.95 -9.02
C PHE A 71 1.46 25.44 -8.94
N TYR A 72 2.26 24.89 -8.03
CA TYR A 72 2.30 23.44 -7.92
C TYR A 72 0.94 22.88 -7.52
N PHE A 73 0.31 23.47 -6.50
CA PHE A 73 -0.97 22.98 -6.04
C PHE A 73 -2.03 23.08 -7.13
N LEU A 74 -2.13 24.25 -7.77
CA LEU A 74 -3.14 24.41 -8.80
C LEU A 74 -3.03 23.30 -9.83
N CYS A 75 -1.80 23.00 -10.27
CA CYS A 75 -1.58 21.93 -11.24
C CYS A 75 -1.97 20.57 -10.69
N SER A 76 -1.61 20.30 -9.43
CA SER A 76 -1.93 19.00 -8.87
C SER A 76 -3.44 18.86 -8.69
N LEU A 77 -4.10 19.87 -8.13
CA LEU A 77 -5.56 19.83 -8.02
C LEU A 77 -6.27 19.87 -9.36
N ARG A 78 -5.66 20.39 -10.42
CA ARG A 78 -6.38 20.64 -11.66
C ARG A 78 -6.98 19.34 -12.19
N ARG A 79 -8.30 19.34 -12.36
CA ARG A 79 -9.07 18.13 -12.63
C ARG A 79 -10.53 18.56 -12.78
N ASN A 80 -11.32 17.70 -13.45
CA ASN A 80 -12.75 17.94 -13.62
C ASN A 80 -13.46 17.69 -12.29
N LEU A 81 -14.10 18.73 -11.77
CA LEU A 81 -14.81 18.60 -10.51
C LEU A 81 -16.22 18.02 -10.66
N LEU A 82 -16.72 17.89 -11.89
CA LEU A 82 -18.01 17.27 -12.15
C LEU A 82 -17.88 15.75 -12.10
N ARG A 83 -18.65 15.12 -11.20
CA ARG A 83 -18.65 13.67 -11.13
C ARG A 83 -19.63 13.09 -12.14
N ASN A 84 -19.31 11.90 -12.61
CA ASN A 84 -20.14 11.17 -13.56
C ASN A 84 -20.54 12.06 -14.74
N PRO A 85 -19.59 12.76 -15.37
CA PRO A 85 -19.98 13.70 -16.41
C PRO A 85 -20.49 13.03 -17.69
N CYS A 86 -20.18 11.75 -17.90
CA CYS A 86 -20.53 11.10 -19.16
C CYS A 86 -21.39 9.88 -18.94
N ALA A 87 -22.21 9.89 -17.90
CA ALA A 87 -23.33 8.96 -17.75
C ALA A 87 -22.88 7.51 -17.70
N GLU A 88 -21.65 7.29 -17.20
CA GLU A 88 -21.11 5.95 -17.10
C GLU A 88 -21.56 5.24 -15.84
N GLU A 89 -21.87 5.99 -14.78
CA GLU A 89 -22.47 5.44 -13.58
C GLU A 89 -23.95 5.76 -13.50
N ASP A 90 -24.65 5.66 -14.63
CA ASP A 90 -26.06 5.98 -14.69
C ASP A 90 -26.22 7.43 -14.26
N MET A 91 -26.87 7.67 -13.12
CA MET A 91 -27.18 9.04 -12.72
C MET A 91 -26.61 9.38 -11.35
N LYS A 92 -25.48 8.77 -10.99
CA LYS A 92 -24.93 8.97 -9.66
C LYS A 92 -24.39 10.38 -9.48
N SER A 93 -24.55 10.90 -8.26
CA SER A 93 -23.97 12.16 -7.79
C SER A 93 -24.43 13.40 -8.54
N TRP A 94 -25.32 13.24 -9.51
CA TRP A 94 -26.07 14.38 -10.03
C TRP A 94 -27.28 14.60 -9.14
N LYS A 95 -27.57 15.85 -8.83
CA LYS A 95 -28.87 16.18 -8.26
C LYS A 95 -29.84 16.50 -9.38
N ILE A 96 -31.04 15.98 -9.28
CA ILE A 96 -32.06 16.17 -10.30
C ILE A 96 -32.99 17.28 -9.83
N ASP A 97 -32.72 18.50 -10.29
CA ASP A 97 -33.56 19.65 -9.89
C ASP A 97 -34.98 19.53 -10.44
N SER A 98 -35.13 19.13 -11.71
CA SER A 98 -36.43 18.84 -12.31
C SER A 98 -36.29 17.54 -13.10
N ASN A 99 -37.32 16.69 -13.01
CA ASN A 99 -37.39 15.40 -13.72
C ASN A 99 -38.81 15.30 -14.29
N GLY A 100 -38.99 15.81 -15.50
CA GLY A 100 -40.31 15.93 -16.05
C GLY A 100 -40.57 14.94 -17.17
N GLY A 101 -41.85 14.71 -17.49
CA GLY A 101 -42.21 13.77 -18.53
C GLY A 101 -41.81 12.35 -18.18
N ASP A 102 -41.31 11.63 -19.17
CA ASP A 102 -40.55 10.44 -18.88
C ASP A 102 -39.22 10.87 -18.28
N GLN A 103 -38.58 10.00 -17.54
CA GLN A 103 -37.56 10.61 -16.68
C GLN A 103 -36.29 11.00 -17.44
N TRP A 104 -35.39 11.72 -16.77
CA TRP A 104 -33.99 11.71 -17.18
C TRP A 104 -33.59 10.28 -17.49
N LYS A 105 -32.81 10.09 -18.56
CA LYS A 105 -32.44 8.75 -18.96
C LYS A 105 -31.08 8.78 -19.64
N VAL A 106 -30.35 7.66 -19.50
CA VAL A 106 -29.06 7.44 -20.14
C VAL A 106 -29.29 6.73 -21.46
N GLU A 107 -28.37 6.89 -22.39
CA GLU A 107 -28.49 6.29 -23.70
C GLU A 107 -27.10 6.23 -24.35
N SER A 108 -26.77 5.08 -24.94
CA SER A 108 -25.49 4.98 -25.62
C SER A 108 -25.46 5.83 -26.87
N LEU A 109 -24.28 6.33 -27.19
CA LEU A 109 -24.12 7.09 -28.41
C LEU A 109 -24.18 6.14 -29.60
N PRO A 110 -24.58 6.64 -30.76
CA PRO A 110 -25.08 7.98 -31.04
C PRO A 110 -26.57 8.08 -30.84
N GLY A 111 -27.25 6.99 -30.46
CA GLY A 111 -28.67 7.01 -30.21
C GLY A 111 -29.52 7.21 -31.46
N ALA A 112 -30.85 7.04 -31.32
CA ALA A 112 -31.75 7.17 -32.45
C ALA A 112 -31.70 8.57 -33.03
N HIS A 113 -31.62 8.67 -34.36
CA HIS A 113 -31.59 9.94 -35.08
C HIS A 113 -30.57 10.90 -34.46
N GLY A 114 -29.43 10.37 -34.04
CA GLY A 114 -28.40 11.19 -33.46
C GLY A 114 -27.06 10.92 -34.11
N THR A 115 -26.13 11.84 -33.88
CA THR A 115 -24.78 11.72 -34.43
C THR A 115 -23.81 11.29 -33.34
N GLY A 116 -22.61 10.91 -33.77
CA GLY A 116 -21.61 10.45 -32.83
C GLY A 116 -20.91 11.60 -32.15
N PHE A 117 -20.47 11.34 -30.93
CA PHE A 117 -19.80 12.38 -30.16
C PHE A 117 -18.36 12.54 -30.63
N PRO A 118 -17.87 13.77 -30.84
CA PRO A 118 -16.57 13.95 -31.50
C PRO A 118 -15.40 13.38 -30.73
N ASP A 119 -15.55 13.13 -29.43
CA ASP A 119 -14.52 12.48 -28.64
C ASP A 119 -14.79 10.99 -28.63
N SER A 120 -13.86 10.22 -29.20
CA SER A 120 -14.02 8.77 -29.23
C SER A 120 -14.13 8.18 -27.83
N LYS A 121 -13.68 8.92 -26.81
CA LYS A 121 -13.75 8.41 -25.44
C LYS A 121 -15.18 8.34 -24.92
N VAL A 122 -16.08 9.18 -25.42
CA VAL A 122 -17.41 9.31 -24.85
C VAL A 122 -18.34 8.27 -25.46
N LYS A 123 -19.05 7.55 -24.59
CA LYS A 123 -19.93 6.46 -25.01
C LYS A 123 -21.40 6.76 -24.78
N LYS A 124 -21.76 7.17 -23.58
CA LYS A 124 -23.14 7.35 -23.20
C LYS A 124 -23.43 8.84 -23.01
N TYR A 125 -24.72 9.16 -22.91
CA TYR A 125 -25.14 10.54 -22.66
C TYR A 125 -26.42 10.53 -21.86
N PHE A 126 -26.64 11.59 -21.09
CA PHE A 126 -27.92 11.86 -20.46
C PHE A 126 -28.89 12.44 -21.50
N VAL A 127 -30.18 12.16 -21.33
CA VAL A 127 -31.18 12.70 -22.25
C VAL A 127 -32.46 13.02 -21.49
N THR A 128 -33.24 13.95 -22.04
CA THR A 128 -34.38 14.54 -21.35
C THR A 128 -35.66 14.31 -22.15
N SER A 129 -36.79 14.59 -21.51
CA SER A 129 -38.11 14.19 -22.00
C SER A 129 -38.99 15.38 -22.32
N TYR A 130 -40.29 15.15 -22.41
CA TYR A 130 -41.25 16.14 -22.87
C TYR A 130 -41.62 17.22 -21.86
N ASP A 131 -41.10 17.20 -20.64
CA ASP A 131 -41.17 18.35 -19.75
C ASP A 131 -39.84 18.57 -19.07
N MET A 132 -39.70 19.75 -18.45
CA MET A 132 -38.43 20.24 -17.94
C MET A 132 -37.66 19.21 -17.13
N CYS A 133 -36.51 18.76 -17.65
CA CYS A 133 -35.56 17.93 -16.91
C CYS A 133 -34.28 18.72 -16.72
N LEU A 134 -33.87 18.91 -15.47
CA LEU A 134 -32.66 19.63 -15.15
C LEU A 134 -31.94 18.83 -14.09
N LYS A 135 -30.62 18.75 -14.22
CA LYS A 135 -29.77 18.12 -13.22
C LYS A 135 -28.64 19.09 -12.86
N SER A 136 -27.97 18.81 -11.75
CA SER A 136 -26.95 19.75 -11.32
C SER A 136 -25.96 19.10 -10.37
N GLN A 137 -24.87 19.82 -10.14
CA GLN A 137 -23.97 19.52 -9.05
C GLN A 137 -23.52 20.83 -8.43
N ILE A 138 -23.14 20.76 -7.15
CA ILE A 138 -22.75 21.94 -6.40
C ILE A 138 -21.37 21.63 -5.82
N ILE A 139 -20.35 22.13 -6.50
CA ILE A 139 -18.95 21.86 -6.20
C ILE A 139 -18.56 22.70 -5.00
N ASP A 140 -18.35 22.07 -3.85
CA ASP A 140 -17.72 22.75 -2.74
C ASP A 140 -16.24 22.88 -3.05
N LEU A 141 -15.75 24.12 -3.19
CA LEU A 141 -14.39 24.34 -3.68
C LEU A 141 -13.36 23.99 -2.62
N LYS A 142 -13.63 24.30 -1.35
CA LYS A 142 -12.62 24.04 -0.32
C LYS A 142 -12.47 22.54 -0.07
N ALA A 143 -13.58 21.81 -0.09
CA ALA A 143 -13.54 20.36 0.11
C ALA A 143 -12.76 19.65 -0.97
N GLU A 144 -12.70 20.23 -2.17
CA GLU A 144 -11.91 19.70 -3.27
C GLU A 144 -10.44 20.10 -3.20
N GLY A 145 -10.05 20.94 -2.22
CA GLY A 145 -8.66 21.23 -1.96
C GLY A 145 -8.25 22.66 -2.22
N TYR A 146 -9.18 23.48 -2.74
CA TYR A 146 -8.91 24.87 -3.12
C TYR A 146 -9.11 25.74 -1.89
N TRP A 147 -8.01 26.16 -1.26
CA TRP A 147 -8.13 26.89 -0.02
C TRP A 147 -8.47 28.34 -0.26
N GLU A 148 -8.87 29.01 0.82
CA GLU A 148 -9.57 30.29 0.72
C GLU A 148 -8.72 31.37 0.06
N GLU A 149 -7.51 31.61 0.58
CA GLU A 149 -6.73 32.74 0.09
C GLU A 149 -6.34 32.57 -1.37
N LEU A 150 -6.26 31.34 -1.84
CA LEU A 150 -6.17 31.08 -3.27
C LEU A 150 -7.38 31.66 -4.01
N LEU A 151 -8.59 31.37 -3.51
CA LEU A 151 -9.78 31.79 -4.23
C LEU A 151 -9.95 33.31 -4.18
N ASP A 152 -9.58 33.95 -3.07
CA ASP A 152 -9.87 35.36 -2.98
C ASP A 152 -8.73 36.22 -3.45
N LYS A 153 -7.48 35.85 -3.12
CA LYS A 153 -6.30 36.67 -3.39
C LYS A 153 -5.63 36.38 -4.72
N PHE A 154 -5.84 35.20 -5.30
CA PHE A 154 -5.24 34.78 -6.56
C PHE A 154 -6.24 34.62 -7.69
N ARG A 155 -7.39 34.00 -7.40
CA ARG A 155 -8.49 33.91 -8.35
C ARG A 155 -8.05 33.22 -9.63
N PRO A 156 -7.78 31.91 -9.56
CA PRO A 156 -7.41 31.16 -10.77
C PRO A 156 -8.62 31.00 -11.69
N ASP A 157 -8.41 31.27 -12.98
CA ASP A 157 -9.44 31.15 -14.01
C ASP A 157 -10.20 29.85 -13.88
N ILE A 158 -11.50 29.93 -13.64
CA ILE A 158 -12.36 28.76 -13.57
C ILE A 158 -13.03 28.57 -14.92
N VAL A 159 -12.89 27.37 -15.49
CA VAL A 159 -13.33 27.09 -16.85
C VAL A 159 -14.38 25.98 -16.82
N VAL A 160 -15.50 26.24 -17.49
CA VAL A 160 -16.67 25.38 -17.45
C VAL A 160 -17.05 25.05 -18.88
N LYS A 161 -17.40 23.78 -19.12
CA LYS A 161 -17.79 23.31 -20.45
C LYS A 161 -18.96 22.34 -20.35
N ASP A 162 -19.66 22.17 -21.47
CA ASP A 162 -20.73 21.18 -21.58
C ASP A 162 -20.94 20.89 -23.06
N TRP A 163 -21.61 19.78 -23.34
CA TRP A 163 -21.85 19.32 -24.69
C TRP A 163 -23.29 18.89 -24.83
N PHE A 164 -23.93 19.24 -25.94
CA PHE A 164 -25.32 18.87 -26.07
C PHE A 164 -25.70 18.73 -27.53
N ALA A 165 -26.53 17.73 -27.81
CA ALA A 165 -27.05 17.48 -29.14
C ALA A 165 -28.55 17.20 -29.08
N PRO A 166 -29.25 17.46 -30.17
CA PRO A 166 -30.62 17.00 -30.34
C PRO A 166 -30.71 15.64 -31.03
N ARG A 167 -31.93 15.09 -31.01
CA ARG A 167 -32.35 14.11 -32.00
C ARG A 167 -32.76 14.83 -33.28
N ALA A 168 -32.72 14.13 -34.40
CA ALA A 168 -33.03 14.79 -35.66
C ALA A 168 -34.53 14.99 -35.84
N ASP A 169 -35.35 14.03 -35.40
CA ASP A 169 -36.76 13.96 -35.71
C ASP A 169 -37.63 14.83 -34.81
N CYS A 170 -37.05 15.68 -33.96
CA CYS A 170 -37.82 16.39 -32.96
C CYS A 170 -37.05 17.61 -32.47
N GLY A 171 -37.77 18.71 -32.27
CA GLY A 171 -37.16 19.91 -31.73
C GLY A 171 -37.14 19.94 -30.21
N CYS A 172 -36.28 20.79 -29.64
CA CYS A 172 -36.14 20.84 -28.19
C CYS A 172 -35.49 22.15 -27.80
N THR A 173 -35.16 22.26 -26.50
CA THR A 173 -34.55 23.44 -25.90
C THR A 173 -33.54 23.03 -24.87
N TYR A 174 -32.35 23.61 -24.95
CA TYR A 174 -31.25 23.35 -24.02
C TYR A 174 -31.08 24.58 -23.14
N GLN A 175 -30.93 24.33 -21.84
CA GLN A 175 -30.63 25.37 -20.86
C GLN A 175 -29.42 24.95 -20.03
N ILE A 176 -28.59 25.92 -19.66
CA ILE A 176 -27.47 25.67 -18.75
C ILE A 176 -27.24 26.92 -17.91
N ARG A 177 -26.98 26.71 -16.62
CA ARG A 177 -26.58 27.76 -15.71
C ARG A 177 -25.34 27.28 -14.96
N VAL A 178 -24.31 28.12 -14.92
CA VAL A 178 -23.16 27.86 -14.07
C VAL A 178 -22.93 29.08 -13.21
N GLN A 179 -22.89 28.89 -11.90
CA GLN A 179 -22.79 30.01 -11.00
C GLN A 179 -21.66 29.78 -10.02
N LEU A 180 -20.97 30.85 -9.66
CA LEU A 180 -19.98 30.82 -8.58
C LEU A 180 -20.65 31.42 -7.37
N ALA A 181 -20.76 30.65 -6.30
CA ALA A 181 -21.52 31.10 -5.15
C ALA A 181 -20.59 31.30 -3.96
N SER A 182 -20.98 32.26 -3.12
CA SER A 182 -20.21 32.59 -1.93
C SER A 182 -20.35 31.48 -0.89
N ALA A 183 -19.73 31.69 0.27
CA ALA A 183 -19.89 30.76 1.37
C ALA A 183 -21.34 30.66 1.81
N ASP A 184 -22.09 31.76 1.66
CA ASP A 184 -23.52 31.86 1.93
C ASP A 184 -24.39 31.36 0.80
N TYR A 185 -23.83 30.65 -0.17
CA TYR A 185 -24.55 30.24 -1.36
C TYR A 185 -25.16 31.43 -2.09
N LEU A 186 -24.50 32.59 -2.00
CA LEU A 186 -24.93 33.77 -2.74
C LEU A 186 -24.22 33.84 -4.08
N VAL A 187 -24.96 34.15 -5.15
CA VAL A 187 -24.34 34.15 -6.47
C VAL A 187 -23.48 35.40 -6.61
N LEU A 188 -22.22 35.21 -7.01
CA LEU A 188 -21.28 36.29 -7.28
C LEU A 188 -20.87 36.39 -8.75
N ALA A 189 -21.06 35.33 -9.53
CA ALA A 189 -20.85 35.36 -10.97
C ALA A 189 -21.81 34.33 -11.54
N SER A 190 -22.36 34.62 -12.73
CA SER A 190 -23.40 33.78 -13.31
C SER A 190 -23.21 33.70 -14.81
N PHE A 191 -22.90 32.50 -15.30
CA PHE A 191 -23.01 32.20 -16.73
C PHE A 191 -24.44 31.73 -17.03
N GLU A 192 -25.22 32.58 -17.69
CA GLU A 192 -26.63 32.32 -17.98
C GLU A 192 -26.90 32.60 -19.45
N PRO A 193 -26.35 31.80 -20.35
CA PRO A 193 -26.55 32.07 -21.78
C PRO A 193 -28.02 32.01 -22.10
N PRO A 194 -28.46 32.62 -23.20
CA PRO A 194 -29.85 32.47 -23.59
C PRO A 194 -30.15 31.01 -23.85
N PRO A 195 -31.35 30.53 -23.51
CA PRO A 195 -31.67 29.14 -23.83
C PRO A 195 -31.67 28.97 -25.33
N VAL A 196 -31.31 27.77 -25.77
CA VAL A 196 -31.25 27.48 -27.19
C VAL A 196 -32.37 26.52 -27.53
N THR A 197 -33.25 26.95 -28.43
CA THR A 197 -34.27 26.09 -29.02
C THR A 197 -33.79 25.70 -30.41
N ILE A 198 -33.88 24.43 -30.72
CA ILE A 198 -33.64 24.03 -32.08
C ILE A 198 -34.83 23.22 -32.57
N HIS A 199 -35.09 23.34 -33.87
CA HIS A 199 -36.32 22.91 -34.48
C HIS A 199 -36.25 21.43 -34.85
N GLN A 200 -37.21 20.95 -35.62
CA GLN A 200 -37.29 19.54 -35.95
C GLN A 200 -36.74 19.32 -37.35
N TRP A 201 -36.16 18.14 -37.57
CA TRP A 201 -35.37 17.81 -38.76
C TRP A 201 -34.13 18.72 -38.83
N ASN A 202 -33.27 18.51 -37.85
CA ASN A 202 -31.99 19.14 -37.69
C ASN A 202 -30.88 18.14 -37.93
N ASP A 203 -29.64 18.63 -37.92
CA ASP A 203 -28.50 17.77 -38.23
C ASP A 203 -28.01 16.97 -37.03
N ALA A 204 -28.64 17.14 -35.86
CA ALA A 204 -28.36 16.35 -34.66
C ALA A 204 -26.90 16.46 -34.20
N LYS A 205 -26.27 17.61 -34.43
CA LYS A 205 -24.84 17.73 -34.18
C LYS A 205 -24.57 18.09 -32.72
N TRP A 206 -23.57 17.45 -32.15
CA TRP A 206 -23.11 17.82 -30.82
C TRP A 206 -22.43 19.17 -30.85
N THR A 207 -22.62 19.94 -29.78
CA THR A 207 -22.17 21.31 -29.73
C THR A 207 -21.58 21.54 -28.36
N GLU A 208 -20.38 22.10 -28.32
CA GLU A 208 -19.74 22.41 -27.06
C GLU A 208 -20.14 23.82 -26.64
N VAL A 209 -20.50 23.98 -25.38
CA VAL A 209 -20.66 25.29 -24.78
C VAL A 209 -19.58 25.44 -23.71
N SER A 210 -18.88 26.57 -23.71
CA SER A 210 -17.84 26.78 -22.72
C SER A 210 -17.70 28.26 -22.37
N HIS A 211 -17.40 28.53 -21.10
CA HIS A 211 -17.23 29.88 -20.58
C HIS A 211 -16.18 29.83 -19.48
N THR A 212 -15.32 30.85 -19.46
CA THR A 212 -14.22 30.95 -18.52
C THR A 212 -14.48 32.09 -17.54
N PHE A 213 -14.52 31.78 -16.26
CA PHE A 213 -14.62 32.82 -15.24
C PHE A 213 -13.23 33.37 -14.96
N SER A 214 -13.01 34.65 -15.24
CA SER A 214 -11.76 35.37 -14.93
C SER A 214 -12.07 36.55 -14.03
N ASP A 215 -11.12 36.92 -13.17
CA ASP A 215 -11.29 38.06 -12.27
C ASP A 215 -12.67 38.11 -11.62
N TYR A 216 -13.19 36.98 -11.18
CA TYR A 216 -14.44 36.98 -10.46
C TYR A 216 -14.23 37.61 -9.10
N PRO A 217 -15.30 38.02 -8.43
CA PRO A 217 -15.16 38.60 -7.09
C PRO A 217 -14.51 37.63 -6.12
N PRO A 218 -13.91 38.14 -5.06
CA PRO A 218 -13.43 37.25 -4.00
C PRO A 218 -14.62 36.73 -3.19
N GLY A 219 -14.45 35.51 -2.67
CA GLY A 219 -15.47 34.89 -1.87
C GLY A 219 -16.13 33.69 -2.52
N VAL A 220 -15.69 33.29 -3.70
CA VAL A 220 -16.25 32.09 -4.32
C VAL A 220 -15.87 30.88 -3.50
N ARG A 221 -16.87 30.16 -3.02
CA ARG A 221 -16.66 28.92 -2.30
C ARG A 221 -17.29 27.72 -2.99
N HIS A 222 -18.27 27.94 -3.88
CA HIS A 222 -18.94 26.89 -4.61
C HIS A 222 -19.08 27.28 -6.07
N ILE A 223 -18.92 26.29 -6.94
CA ILE A 223 -19.31 26.37 -8.34
C ILE A 223 -20.55 25.51 -8.50
N PHE A 224 -21.65 26.09 -8.96
CA PHE A 224 -22.91 25.38 -9.12
C PHE A 224 -23.20 25.25 -10.60
N PHE A 225 -23.43 24.01 -11.05
CA PHE A 225 -23.50 23.68 -12.46
C PHE A 225 -24.83 22.99 -12.75
N GLN A 226 -25.65 23.55 -13.63
CA GLN A 226 -26.96 22.98 -13.91
C GLN A 226 -27.31 23.05 -15.40
N HIS A 227 -27.96 22.01 -15.89
CA HIS A 227 -28.38 21.96 -17.29
C HIS A 227 -29.46 20.90 -17.44
N GLY A 228 -29.98 20.83 -18.67
CA GLY A 228 -31.13 20.04 -19.02
C GLY A 228 -32.00 20.77 -20.04
N GLY A 229 -33.26 20.36 -20.15
CA GLY A 229 -34.10 20.84 -21.21
C GLY A 229 -35.35 19.99 -21.32
N LYS A 230 -36.04 20.17 -22.44
CA LYS A 230 -37.23 19.40 -22.75
C LYS A 230 -37.48 19.54 -24.23
N ASP A 231 -38.30 18.65 -24.78
CA ASP A 231 -38.61 18.82 -26.19
C ASP A 231 -39.65 19.92 -26.39
N THR A 232 -39.82 20.29 -27.63
CA THR A 232 -40.83 21.24 -28.01
C THR A 232 -41.80 20.61 -29.01
N GLN A 233 -42.23 19.39 -28.73
CA GLN A 233 -43.40 18.84 -29.42
C GLN A 233 -44.32 18.04 -28.51
N PHE A 234 -44.01 17.90 -27.22
CA PHE A 234 -44.79 17.12 -26.25
C PHE A 234 -44.91 15.66 -26.70
N TRP A 235 -43.76 14.99 -26.74
CA TRP A 235 -43.66 13.61 -27.22
C TRP A 235 -43.24 12.71 -26.07
N ALA A 236 -43.94 11.58 -25.94
CA ALA A 236 -43.54 10.59 -24.98
C ALA A 236 -42.18 10.04 -25.37
N GLY A 237 -41.37 9.72 -24.37
CA GLY A 237 -40.01 9.33 -24.66
C GLY A 237 -38.99 10.42 -24.42
N TRP A 238 -37.90 10.40 -25.19
CA TRP A 238 -36.70 11.16 -24.85
C TRP A 238 -36.24 11.98 -26.03
N TYR A 239 -37.14 12.78 -26.56
CA TYR A 239 -36.81 13.65 -27.68
C TYR A 239 -36.29 15.02 -27.24
N GLY A 240 -36.17 15.27 -25.93
CA GLY A 240 -35.51 16.44 -25.45
C GLY A 240 -34.00 16.37 -25.69
N PRO A 241 -33.29 17.44 -25.31
CA PRO A 241 -31.85 17.52 -25.60
C PRO A 241 -31.04 16.47 -24.87
N ARG A 242 -29.91 16.11 -25.46
CA ARG A 242 -28.99 15.15 -24.88
C ARG A 242 -27.71 15.89 -24.49
N VAL A 243 -27.17 15.57 -23.31
CA VAL A 243 -25.98 16.24 -22.83
C VAL A 243 -25.01 15.23 -22.27
N THR A 244 -23.73 15.55 -22.41
CA THR A 244 -22.68 14.66 -21.91
C THR A 244 -21.41 15.49 -21.85
N ASN A 245 -20.41 14.93 -21.18
CA ASN A 245 -19.04 15.45 -21.19
C ASN A 245 -18.92 16.84 -20.55
N SER A 246 -19.68 17.08 -19.51
CA SER A 246 -19.65 18.38 -18.85
C SER A 246 -18.46 18.45 -17.90
N SER A 247 -17.74 19.57 -17.92
CA SER A 247 -16.55 19.72 -17.09
C SER A 247 -16.52 21.08 -16.37
N VAL A 248 -15.88 21.07 -15.21
CA VAL A 248 -15.45 22.27 -14.49
C VAL A 248 -14.02 22.00 -14.07
N VAL A 249 -13.11 22.90 -14.43
CA VAL A 249 -11.68 22.74 -14.15
C VAL A 249 -11.10 24.08 -13.74
N ILE A 250 -10.32 24.10 -12.67
CA ILE A 250 -9.67 25.33 -12.22
C ILE A 250 -8.20 25.29 -12.65
N SER A 251 -7.82 26.22 -13.54
CA SER A 251 -6.51 26.22 -14.16
C SER A 251 -5.47 26.92 -13.28
N HIS A 252 -4.23 26.85 -13.74
CA HIS A 252 -3.09 27.43 -13.03
C HIS A 252 -2.94 28.93 -13.26
N ARG A 253 -3.65 29.50 -14.22
CA ARG A 253 -3.54 30.94 -14.48
C ARG A 253 -4.31 31.70 -13.42
N VAL A 254 -3.63 32.62 -12.73
CA VAL A 254 -4.31 33.51 -11.80
C VAL A 254 -4.50 34.85 -12.51
N THR A 255 -5.37 35.68 -11.98
CA THR A 255 -5.46 37.04 -12.47
C THR A 255 -4.69 38.02 -11.59
N ARG A 256 -4.27 37.56 -10.42
CA ARG A 256 -3.78 38.41 -9.35
C ARG A 256 -2.55 37.73 -8.75
N ASN A 257 -1.39 38.34 -8.92
CA ASN A 257 -0.18 37.76 -8.31
C ASN A 257 0.22 38.61 -7.13
N PRO A 258 -0.26 38.28 -5.92
CA PRO A 258 -0.15 39.20 -4.77
C PRO A 258 1.27 39.64 -4.49
N PRO A 259 2.28 38.77 -4.71
CA PRO A 259 3.64 39.33 -4.57
C PRO A 259 4.01 40.39 -5.62
N PRO B 5 32.26 -11.79 -17.85
CA PRO B 5 32.77 -10.50 -18.32
C PRO B 5 32.71 -9.41 -17.23
N SER B 6 33.70 -9.40 -16.32
CA SER B 6 33.55 -8.86 -14.97
C SER B 6 34.66 -7.88 -14.59
N ILE B 7 34.42 -7.17 -13.48
CA ILE B 7 35.35 -6.24 -12.85
C ILE B 7 35.35 -6.52 -11.35
N LYS B 8 36.41 -6.10 -10.67
CA LYS B 8 36.51 -6.25 -9.22
C LYS B 8 36.48 -4.88 -8.57
N LEU B 9 35.47 -4.66 -7.74
CA LEU B 9 35.42 -3.48 -6.89
C LEU B 9 35.88 -3.87 -5.49
N GLN B 10 36.52 -2.92 -4.81
CA GLN B 10 37.10 -3.15 -3.50
C GLN B 10 36.63 -2.08 -2.53
N SER B 11 36.13 -2.51 -1.38
CA SER B 11 35.46 -1.60 -0.45
C SER B 11 36.46 -0.81 0.40
N SER B 12 35.92 0.15 1.15
CA SER B 12 36.76 1.02 1.97
C SER B 12 37.62 0.22 2.94
N ASP B 13 37.15 -0.96 3.35
CA ASP B 13 37.84 -1.79 4.33
C ASP B 13 38.42 -3.05 3.71
N GLY B 14 38.60 -3.09 2.39
CA GLY B 14 39.46 -4.07 1.77
C GLY B 14 38.74 -5.16 1.01
N GLU B 15 37.57 -5.58 1.48
CA GLU B 15 36.84 -6.68 0.86
C GLU B 15 36.64 -6.45 -0.63
N ILE B 16 36.91 -7.46 -1.43
CA ILE B 16 36.81 -7.36 -2.88
C ILE B 16 35.52 -8.02 -3.35
N PHE B 17 34.75 -7.31 -4.14
CA PHE B 17 33.57 -7.86 -4.79
C PHE B 17 33.79 -7.88 -6.29
N GLU B 18 33.58 -9.04 -6.90
CA GLU B 18 33.70 -9.17 -8.34
C GLU B 18 32.31 -9.11 -8.95
N VAL B 19 32.17 -8.29 -9.99
CA VAL B 19 30.86 -8.04 -10.61
C VAL B 19 31.03 -7.98 -12.11
N ASP B 20 30.01 -8.44 -12.82
CA ASP B 20 29.93 -8.21 -14.25
C ASP B 20 30.01 -6.70 -14.47
N VAL B 21 30.39 -6.27 -15.66
CA VAL B 21 30.60 -4.84 -15.83
C VAL B 21 29.32 -4.12 -16.23
N GLU B 22 28.39 -4.82 -16.85
CA GLU B 22 27.12 -4.19 -17.22
C GLU B 22 26.38 -3.73 -15.97
N ILE B 23 26.36 -4.57 -14.92
CA ILE B 23 25.74 -4.16 -13.67
C ILE B 23 26.50 -3.00 -13.06
N ALA B 24 27.83 -3.11 -13.01
CA ALA B 24 28.64 -2.09 -12.34
C ALA B 24 28.51 -0.74 -13.02
N LYS B 25 28.19 -0.73 -14.32
CA LYS B 25 28.14 0.51 -15.08
C LYS B 25 27.08 1.47 -14.55
N GLN B 26 26.04 0.94 -13.89
CA GLN B 26 24.96 1.80 -13.40
C GLN B 26 25.46 2.87 -12.43
N SER B 27 26.57 2.61 -11.76
CA SER B 27 27.26 3.67 -11.03
C SER B 27 27.96 4.56 -12.06
N VAL B 28 27.44 5.76 -12.25
CA VAL B 28 28.09 6.72 -13.12
C VAL B 28 29.53 6.96 -12.68
N THR B 29 29.72 7.23 -11.38
CA THR B 29 31.04 7.62 -10.90
C THR B 29 32.06 6.49 -10.96
N ILE B 30 31.68 5.28 -11.38
CA ILE B 30 32.68 4.25 -11.67
C ILE B 30 32.61 3.78 -13.11
N LYS B 31 31.57 4.12 -13.86
CA LYS B 31 31.72 4.08 -15.31
C LYS B 31 32.77 5.08 -15.75
N THR B 32 32.74 6.28 -15.16
CA THR B 32 33.80 7.26 -15.40
C THR B 32 35.14 6.79 -14.84
N MET B 33 35.15 6.23 -13.64
CA MET B 33 36.38 5.62 -13.11
C MET B 33 36.95 4.58 -14.06
N LEU B 34 36.07 3.88 -14.76
CA LEU B 34 36.50 2.79 -15.61
C LEU B 34 37.05 3.30 -16.94
N GLU B 35 36.63 4.50 -17.36
CA GLU B 35 37.23 5.11 -18.55
C GLU B 35 38.69 5.42 -18.32
N ASP B 36 39.06 5.80 -17.09
CA ASP B 36 40.46 6.04 -16.76
C ASP B 36 41.21 4.72 -16.58
N LEU B 37 40.82 3.92 -15.59
CA LEU B 37 41.41 2.59 -15.44
C LEU B 37 40.48 1.51 -16.01
N ASP B 46 44.64 -3.68 -9.35
CA ASP B 46 43.76 -4.35 -10.32
C ASP B 46 42.28 -4.40 -9.95
N PRO B 47 41.93 -4.37 -8.65
CA PRO B 47 40.54 -4.06 -8.32
C PRO B 47 40.35 -2.56 -8.16
N VAL B 48 39.31 -1.98 -8.74
CA VAL B 48 39.09 -0.54 -8.52
C VAL B 48 38.67 -0.31 -7.07
N PRO B 49 39.27 0.66 -6.38
CA PRO B 49 38.92 0.88 -4.96
C PRO B 49 37.89 1.97 -4.73
N LEU B 50 37.02 1.77 -3.73
CA LEU B 50 36.00 2.75 -3.34
C LEU B 50 36.13 2.98 -1.84
N PRO B 51 36.93 3.95 -1.42
CA PRO B 51 37.18 4.16 0.02
C PRO B 51 36.10 4.97 0.74
N ASN B 52 35.01 5.31 0.05
CA ASN B 52 33.86 5.93 0.69
C ASN B 52 32.75 4.94 0.98
N VAL B 53 32.94 3.68 0.63
CA VAL B 53 31.91 2.65 0.76
C VAL B 53 32.53 1.52 1.57
N ASN B 54 31.92 1.19 2.71
CA ASN B 54 32.42 0.00 3.37
C ASN B 54 31.82 -1.24 2.74
N ALA B 55 32.39 -2.40 3.07
CA ALA B 55 32.05 -3.63 2.37
C ALA B 55 30.55 -3.94 2.44
N ALA B 56 29.94 -3.66 3.60
CA ALA B 56 28.53 -3.99 3.80
C ALA B 56 27.64 -3.20 2.84
N ILE B 57 27.78 -1.88 2.80
CA ILE B 57 26.96 -1.10 1.88
C ILE B 57 27.34 -1.37 0.43
N LEU B 58 28.62 -1.62 0.17
CA LEU B 58 29.01 -2.02 -1.17
C LEU B 58 28.18 -3.21 -1.66
N LYS B 59 27.96 -4.21 -0.80
CA LYS B 59 27.16 -5.35 -1.24
C LYS B 59 25.72 -4.95 -1.48
N LYS B 60 25.08 -4.28 -0.51
CA LYS B 60 23.68 -3.90 -0.73
C LYS B 60 23.55 -3.09 -2.02
N VAL B 61 24.59 -2.35 -2.39
CA VAL B 61 24.54 -1.63 -3.64
C VAL B 61 24.55 -2.60 -4.82
N ILE B 62 25.53 -3.52 -4.87
CA ILE B 62 25.58 -4.41 -6.03
C ILE B 62 24.44 -5.41 -6.01
N GLN B 63 23.89 -5.67 -4.81
CA GLN B 63 22.70 -6.49 -4.69
C GLN B 63 21.51 -5.84 -5.36
N TRP B 64 21.39 -4.53 -5.23
CA TRP B 64 20.33 -3.79 -5.89
C TRP B 64 20.63 -3.60 -7.37
N CYS B 65 21.90 -3.37 -7.71
CA CYS B 65 22.23 -3.11 -9.10
C CYS B 65 22.05 -4.35 -9.94
N THR B 66 22.43 -5.51 -9.40
CA THR B 66 22.13 -6.76 -10.10
C THR B 66 20.63 -6.99 -10.22
N HIS B 67 19.84 -6.56 -9.23
CA HIS B 67 18.42 -6.77 -9.35
C HIS B 67 17.77 -5.90 -10.42
N HIS B 68 18.42 -4.81 -10.83
CA HIS B 68 17.92 -3.97 -11.92
C HIS B 68 18.89 -3.99 -13.09
N LYS B 69 19.60 -5.11 -13.27
CA LYS B 69 20.61 -5.18 -14.33
C LYS B 69 20.00 -4.87 -15.69
N ASP B 70 18.69 -5.09 -15.85
CA ASP B 70 18.03 -4.79 -17.12
C ASP B 70 16.58 -4.40 -16.82
N ASP B 71 16.27 -3.11 -16.95
CA ASP B 71 14.93 -2.65 -16.67
C ASP B 71 14.13 -2.43 -17.95
N ASP B 86 6.60 6.53 -9.67
CA ASP B 86 5.22 6.30 -9.22
C ASP B 86 5.16 5.63 -7.85
N ASP B 87 5.04 4.29 -7.87
CA ASP B 87 4.99 3.44 -6.68
C ASP B 87 6.41 3.06 -6.26
N ILE B 88 6.53 2.13 -5.32
CA ILE B 88 7.79 1.46 -5.02
C ILE B 88 7.62 -0.02 -5.34
N PRO B 89 8.56 -0.65 -6.04
CA PRO B 89 8.50 -2.09 -6.21
C PRO B 89 8.47 -2.77 -4.85
N VAL B 90 7.92 -3.98 -4.83
CA VAL B 90 7.95 -4.75 -3.59
C VAL B 90 9.37 -5.23 -3.30
N TRP B 91 10.11 -5.66 -4.33
CA TRP B 91 11.49 -6.07 -4.07
C TRP B 91 12.26 -4.95 -3.40
N ASP B 92 12.21 -3.75 -3.99
CA ASP B 92 12.89 -2.62 -3.40
C ASP B 92 12.36 -2.28 -2.02
N GLN B 93 11.16 -2.74 -1.67
CA GLN B 93 10.66 -2.49 -0.33
C GLN B 93 11.20 -3.51 0.67
N GLU B 94 11.16 -4.80 0.34
CA GLU B 94 11.73 -5.80 1.23
C GLU B 94 13.24 -5.59 1.37
N PHE B 95 13.89 -5.21 0.27
CA PHE B 95 15.31 -4.95 0.29
C PHE B 95 15.65 -3.79 1.20
N LEU B 96 14.77 -2.80 1.31
CA LEU B 96 15.04 -1.62 2.11
C LEU B 96 14.48 -1.70 3.52
N LYS B 97 14.08 -2.89 3.96
CA LYS B 97 13.62 -3.05 5.34
C LYS B 97 14.81 -3.23 6.26
N VAL B 98 15.70 -2.25 6.21
CA VAL B 98 16.95 -2.26 6.94
C VAL B 98 16.83 -1.25 8.07
N ASP B 99 17.79 -1.26 8.98
CA ASP B 99 17.75 -0.26 10.04
C ASP B 99 18.12 1.12 9.49
N GLN B 100 17.77 2.14 10.27
CA GLN B 100 17.74 3.51 9.75
C GLN B 100 19.11 4.04 9.39
N GLY B 101 20.16 3.63 10.11
CA GLY B 101 21.49 4.08 9.76
C GLY B 101 22.02 3.44 8.50
N THR B 102 21.57 2.21 8.21
CA THR B 102 21.94 1.57 6.94
C THR B 102 21.25 2.27 5.78
N LEU B 103 20.01 2.68 6.00
CA LEU B 103 19.29 3.41 4.98
C LEU B 103 20.01 4.70 4.62
N PHE B 104 20.60 5.39 5.62
CA PHE B 104 21.29 6.66 5.39
C PHE B 104 22.64 6.45 4.70
N GLU B 105 23.41 5.47 5.16
CA GLU B 105 24.61 5.06 4.44
C GLU B 105 24.28 4.70 3.00
N LEU B 106 23.12 4.08 2.78
CA LEU B 106 22.74 3.63 1.45
C LEU B 106 22.49 4.80 0.50
N ILE B 107 21.83 5.87 0.97
CA ILE B 107 21.61 7.02 0.11
C ILE B 107 22.91 7.78 -0.11
N LEU B 108 23.77 7.84 0.92
CA LEU B 108 25.07 8.48 0.73
C LEU B 108 25.90 7.69 -0.26
N ALA B 109 25.83 6.36 -0.21
CA ALA B 109 26.52 5.55 -1.21
C ALA B 109 25.94 5.77 -2.59
N ALA B 110 24.60 5.87 -2.67
CA ALA B 110 23.94 6.11 -3.95
C ALA B 110 24.38 7.44 -4.55
N ASN B 111 24.49 8.47 -3.71
CA ASN B 111 25.05 9.75 -4.13
C ASN B 111 26.52 9.61 -4.56
N TYR B 112 27.34 9.00 -3.70
CA TYR B 112 28.75 8.79 -4.02
C TYR B 112 28.92 8.08 -5.35
N LEU B 113 28.22 6.97 -5.52
CA LEU B 113 28.36 6.14 -6.71
C LEU B 113 27.54 6.66 -7.89
N ASP B 114 26.63 7.62 -7.66
CA ASP B 114 25.74 8.17 -8.70
C ASP B 114 24.93 7.07 -9.39
N ILE B 115 24.34 6.21 -8.59
CA ILE B 115 23.31 5.28 -9.06
C ILE B 115 22.00 6.03 -8.84
N LYS B 116 21.57 6.77 -9.88
CA LYS B 116 20.44 7.66 -9.72
C LYS B 116 19.16 6.92 -9.38
N GLY B 117 19.09 5.62 -9.69
CA GLY B 117 17.92 4.84 -9.30
C GLY B 117 17.88 4.53 -7.82
N LEU B 118 18.98 3.99 -7.30
CA LEU B 118 19.06 3.67 -5.88
C LEU B 118 18.81 4.90 -5.02
N LEU B 119 19.26 6.07 -5.50
CA LEU B 119 19.06 7.28 -4.70
C LEU B 119 17.59 7.60 -4.54
N ASP B 120 16.80 7.41 -5.61
CA ASP B 120 15.39 7.77 -5.57
C ASP B 120 14.56 6.80 -4.75
N VAL B 121 14.85 5.50 -4.87
CA VAL B 121 14.15 4.49 -4.06
C VAL B 121 14.42 4.73 -2.57
N THR B 122 15.67 4.95 -2.21
CA THR B 122 16.02 5.12 -0.80
C THR B 122 15.47 6.42 -0.26
N CYS B 123 15.56 7.49 -1.05
CA CYS B 123 15.02 8.77 -0.60
C CYS B 123 13.51 8.70 -0.44
N LYS B 124 12.82 8.20 -1.47
CA LYS B 124 11.38 8.02 -1.41
C LYS B 124 10.98 7.28 -0.15
N THR B 125 11.78 6.26 0.23
CA THR B 125 11.54 5.54 1.47
C THR B 125 11.63 6.46 2.69
N VAL B 126 12.63 7.33 2.74
CA VAL B 126 12.74 8.21 3.90
C VAL B 126 11.53 9.13 3.97
N ALA B 127 11.04 9.57 2.81
CA ALA B 127 9.88 10.45 2.77
C ALA B 127 8.64 9.74 3.32
N ASN B 128 8.56 8.42 3.17
CA ASN B 128 7.43 7.66 3.68
C ASN B 128 7.50 7.46 5.18
N MET B 129 8.71 7.51 5.76
CA MET B 129 8.83 7.62 7.21
C MET B 129 8.32 8.97 7.69
N ILE B 130 8.51 10.00 6.88
CA ILE B 130 8.10 11.35 7.26
C ILE B 130 6.60 11.48 7.26
N LYS B 131 5.92 10.73 6.39
CA LYS B 131 4.46 10.85 6.28
C LYS B 131 3.78 10.42 7.56
N GLY B 132 2.77 11.17 7.95
CA GLY B 132 1.94 10.84 9.08
C GLY B 132 2.42 11.38 10.41
N LYS B 133 3.65 11.89 10.47
CA LYS B 133 4.24 12.28 11.74
C LYS B 133 4.14 13.79 11.92
N THR B 134 4.03 14.22 13.19
CA THR B 134 3.93 15.62 13.58
C THR B 134 5.28 16.30 13.47
N PRO B 135 5.34 17.64 13.57
CA PRO B 135 6.66 18.30 13.58
C PRO B 135 7.56 17.77 14.69
N GLU B 136 6.99 17.30 15.80
CA GLU B 136 7.79 16.66 16.85
C GLU B 136 8.04 15.19 16.56
N GLU B 137 7.02 14.47 16.10
CA GLU B 137 7.17 13.03 15.87
C GLU B 137 8.16 12.75 14.75
N ILE B 138 8.33 13.68 13.82
CA ILE B 138 9.42 13.58 12.84
C ILE B 138 10.75 13.79 13.53
N ARG B 139 10.83 14.79 14.42
CA ARG B 139 12.07 15.13 15.10
C ARG B 139 12.51 14.03 16.08
N LYS B 140 11.58 13.21 16.56
CA LYS B 140 11.89 12.04 17.36
C LYS B 140 12.51 10.93 16.50
N THR B 141 11.72 10.38 15.57
CA THR B 141 12.14 9.18 14.86
C THR B 141 13.39 9.39 14.03
N PHE B 142 13.85 10.63 13.89
CA PHE B 142 15.12 10.92 13.25
C PHE B 142 16.10 11.65 14.17
N ASN B 143 15.62 12.19 15.30
CA ASN B 143 16.45 12.76 16.35
C ASN B 143 17.30 13.94 15.84
N ILE B 144 16.60 15.02 15.51
CA ILE B 144 17.23 16.32 15.38
C ILE B 144 16.71 17.20 16.52
N LYS B 145 17.48 18.23 16.85
CA LYS B 145 17.17 19.08 17.99
C LYS B 145 16.34 20.28 17.54
N ASN B 146 15.42 20.69 18.41
CA ASN B 146 14.50 21.77 18.11
C ASN B 146 15.26 23.09 17.96
N ASP B 147 15.23 23.62 16.74
CA ASP B 147 15.96 24.81 16.32
C ASP B 147 15.24 26.11 16.64
N PHE B 148 13.91 26.11 16.66
CA PHE B 148 13.15 27.33 16.82
C PHE B 148 13.05 27.72 18.30
N THR B 149 12.33 28.81 18.56
CA THR B 149 12.07 29.27 19.91
C THR B 149 10.59 29.21 20.25
N GLU B 150 9.77 30.02 19.62
CA GLU B 150 8.33 29.83 19.56
C GLU B 150 7.85 30.18 18.17
N GLU B 151 8.79 30.41 17.25
CA GLU B 151 8.51 30.67 15.86
C GLU B 151 7.90 29.47 15.17
N GLU B 152 7.89 28.29 15.82
CA GLU B 152 7.10 27.19 15.31
C GLU B 152 5.66 27.62 15.05
N GLU B 153 5.09 28.40 15.97
CA GLU B 153 3.80 29.02 15.71
C GLU B 153 3.84 29.79 14.39
N ALA B 154 4.86 30.64 14.22
CA ALA B 154 5.04 31.31 12.95
C ALA B 154 5.34 30.34 11.81
N GLN B 155 5.69 29.08 12.10
CA GLN B 155 6.05 28.14 11.04
C GLN B 155 4.96 27.12 10.73
N VAL B 156 4.24 26.60 11.74
CA VAL B 156 3.08 25.77 11.44
C VAL B 156 2.03 26.61 10.73
N ARG B 157 1.53 27.63 11.43
CA ARG B 157 0.40 28.41 10.92
C ARG B 157 0.70 29.10 9.59
N LYS B 158 1.97 29.39 9.29
CA LYS B 158 2.29 30.09 8.05
C LYS B 158 1.62 29.41 6.86
N GLU B 159 1.83 28.09 6.71
CA GLU B 159 1.13 27.33 5.68
C GLU B 159 0.02 26.45 6.22
N ASN B 160 0.02 26.16 7.53
CA ASN B 160 -1.12 25.43 8.09
C ASN B 160 -2.40 26.24 8.03
N GLN B 161 -2.31 27.55 7.75
CA GLN B 161 -3.51 28.35 7.57
C GLN B 161 -4.48 27.70 6.59
N TRP B 162 -4.01 26.79 5.72
CA TRP B 162 -4.88 26.23 4.70
C TRP B 162 -4.58 24.76 4.37
N CYS B 163 -4.13 23.97 5.34
CA CYS B 163 -3.81 22.58 5.05
C CYS B 163 -4.47 21.63 6.05
N ASN C 12 -36.04 -30.34 15.20
CA ASN C 12 -35.07 -29.66 14.35
C ASN C 12 -34.77 -28.26 14.87
N ILE C 13 -35.68 -27.72 15.68
CA ILE C 13 -35.27 -26.70 16.62
C ILE C 13 -34.72 -27.37 17.87
N LEU C 14 -35.09 -28.64 18.10
CA LEU C 14 -34.35 -29.48 19.04
C LEU C 14 -32.86 -29.50 18.68
N LEU C 15 -32.54 -29.37 17.39
CA LEU C 15 -31.17 -29.09 16.97
C LEU C 15 -30.72 -27.72 17.47
N GLU C 16 -31.56 -26.70 17.30
CA GLU C 16 -31.14 -25.32 17.46
C GLU C 16 -30.53 -25.06 18.84
N VAL C 17 -31.03 -25.73 19.87
CA VAL C 17 -30.46 -25.55 21.19
C VAL C 17 -29.26 -26.46 21.41
N PHE C 18 -29.24 -27.65 20.79
CA PHE C 18 -28.04 -28.48 20.81
C PHE C 18 -26.81 -27.70 20.34
N MET C 19 -27.00 -26.80 19.37
CA MET C 19 -25.88 -26.06 18.79
C MET C 19 -25.05 -25.36 19.86
N HIS C 20 -25.69 -24.71 20.82
CA HIS C 20 -24.98 -23.92 21.82
C HIS C 20 -24.39 -24.77 22.95
N VAL C 21 -24.45 -26.09 22.87
CA VAL C 21 -23.90 -26.93 23.93
C VAL C 21 -22.42 -27.17 23.66
N PRO C 22 -21.51 -26.89 24.65
CA PRO C 22 -20.13 -27.35 24.56
C PRO C 22 -19.96 -28.77 24.03
N ALA C 23 -19.17 -28.90 22.96
CA ALA C 23 -19.18 -30.12 22.16
C ALA C 23 -18.77 -31.35 22.96
N ARG C 24 -17.72 -31.23 23.77
CA ARG C 24 -17.31 -32.40 24.55
C ARG C 24 -18.36 -32.78 25.60
N GLN C 25 -19.28 -31.86 25.94
CA GLN C 25 -20.40 -32.19 26.82
C GLN C 25 -21.55 -32.79 26.02
N LEU C 26 -21.98 -32.09 24.97
CA LEU C 26 -23.03 -32.54 24.07
C LEU C 26 -22.83 -33.98 23.62
N LEU C 27 -21.58 -34.43 23.59
CA LEU C 27 -21.26 -35.80 23.22
C LEU C 27 -21.25 -36.72 24.43
N ARG C 28 -20.56 -36.31 25.50
CA ARG C 28 -20.40 -37.18 26.67
C ARG C 28 -21.58 -37.12 27.64
N ASN C 29 -22.47 -36.14 27.51
CA ASN C 29 -23.63 -36.10 28.40
C ASN C 29 -24.96 -36.12 27.66
N CYS C 30 -25.17 -35.23 26.70
CA CYS C 30 -26.49 -35.07 26.09
C CYS C 30 -26.85 -36.24 25.19
N ARG C 31 -25.88 -36.73 24.41
CA ARG C 31 -26.16 -37.83 23.51
C ARG C 31 -26.54 -39.10 24.25
N PRO C 32 -25.80 -39.55 25.28
CA PRO C 32 -26.30 -40.72 26.00
C PRO C 32 -27.42 -40.31 26.95
N ARG C 38 -29.97 -38.14 21.20
CA ARG C 38 -28.90 -38.99 20.68
C ARG C 38 -28.87 -38.96 19.17
N ASP C 39 -30.03 -39.08 18.54
CA ASP C 39 -30.05 -39.16 17.08
C ASP C 39 -29.98 -37.78 16.46
N LEU C 40 -30.61 -36.78 17.08
CA LEU C 40 -30.49 -35.44 16.57
C LEU C 40 -29.10 -34.88 16.79
N ILE C 41 -28.33 -35.49 17.70
CA ILE C 41 -26.97 -35.03 17.97
C ILE C 41 -26.01 -35.47 16.87
N ASP C 42 -26.29 -36.57 16.20
CA ASP C 42 -25.42 -37.06 15.13
C ASP C 42 -25.86 -36.60 13.75
N LEU C 43 -26.80 -35.67 13.67
CA LEU C 43 -27.23 -35.13 12.38
C LEU C 43 -26.17 -34.17 11.88
N VAL C 44 -25.80 -34.29 10.60
CA VAL C 44 -24.73 -33.44 10.07
C VAL C 44 -25.13 -31.98 10.10
N SER C 45 -26.45 -31.69 10.04
CA SER C 45 -26.88 -30.30 10.06
C SER C 45 -26.73 -29.68 11.45
N LEU C 46 -26.63 -30.49 12.51
CA LEU C 46 -26.22 -29.95 13.80
C LEU C 46 -24.86 -29.31 13.64
N TRP C 47 -23.86 -30.15 13.38
CA TRP C 47 -22.47 -29.70 13.34
C TRP C 47 -22.24 -28.70 12.23
N LYS C 48 -22.82 -28.96 11.04
CA LYS C 48 -22.70 -28.00 9.96
C LYS C 48 -23.33 -26.66 10.33
N ARG C 49 -24.20 -26.64 11.34
CA ARG C 49 -24.67 -25.37 11.89
C ARG C 49 -23.69 -24.81 12.90
N LYS C 50 -23.14 -25.64 13.79
CA LYS C 50 -22.15 -25.16 14.75
C LYS C 50 -20.93 -24.57 14.05
N CYS C 51 -20.43 -25.27 13.02
CA CYS C 51 -19.32 -24.73 12.25
C CYS C 51 -19.69 -23.39 11.65
N LEU C 52 -20.93 -23.27 11.15
CA LEU C 52 -21.36 -22.01 10.55
C LEU C 52 -21.33 -20.87 11.54
N ARG C 53 -21.76 -21.12 12.78
CA ARG C 53 -21.84 -20.05 13.75
C ARG C 53 -20.46 -19.61 14.22
N GLU C 54 -19.58 -20.57 14.53
CA GLU C 54 -18.25 -20.24 15.01
C GLU C 54 -17.29 -19.93 13.88
N GLY C 55 -17.77 -19.90 12.63
CA GLY C 55 -16.99 -19.42 11.50
C GLY C 55 -16.22 -20.48 10.75
N TYR C 56 -16.15 -21.71 11.28
CA TYR C 56 -15.26 -22.73 10.72
C TYR C 56 -15.63 -23.06 9.28
N VAL C 57 -16.90 -23.00 8.96
CA VAL C 57 -17.35 -23.14 7.58
C VAL C 57 -18.18 -21.92 7.25
N THR C 58 -18.22 -21.56 5.98
CA THR C 58 -19.07 -20.49 5.49
C THR C 58 -20.26 -21.08 4.76
N GLU C 59 -21.03 -20.22 4.09
CA GLU C 59 -22.21 -20.67 3.37
C GLU C 59 -21.84 -21.38 2.07
N ASP C 60 -20.87 -20.85 1.31
CA ASP C 60 -20.44 -21.49 0.07
C ASP C 60 -19.20 -22.32 0.43
N TRP C 61 -19.45 -23.47 1.04
CA TRP C 61 -18.34 -24.28 1.51
C TRP C 61 -17.62 -24.94 0.34
N ASP C 62 -18.36 -25.67 -0.51
CA ASP C 62 -17.84 -26.27 -1.73
C ASP C 62 -16.76 -27.31 -1.48
N GLN C 63 -16.69 -27.90 -0.29
CA GLN C 63 -15.68 -28.91 -0.11
C GLN C 63 -16.19 -30.06 0.74
N PRO C 64 -16.39 -31.24 0.16
CA PRO C 64 -16.99 -32.33 0.94
C PRO C 64 -16.11 -32.66 2.12
N VAL C 65 -16.75 -32.85 3.27
CA VAL C 65 -16.12 -33.52 4.41
C VAL C 65 -16.94 -34.75 4.73
N SER C 66 -16.25 -35.83 5.08
CA SER C 66 -16.91 -37.11 5.31
C SER C 66 -17.48 -37.23 6.71
N ASP C 67 -16.89 -36.54 7.68
CA ASP C 67 -17.29 -36.66 9.09
C ASP C 67 -17.29 -35.25 9.68
N TRP C 68 -18.46 -34.61 9.67
CA TRP C 68 -18.58 -33.23 10.09
C TRP C 68 -18.28 -33.02 11.58
N LYS C 69 -18.24 -34.09 12.38
CA LYS C 69 -17.92 -33.90 13.79
C LYS C 69 -16.42 -33.75 13.99
N VAL C 70 -15.63 -34.59 13.33
CA VAL C 70 -14.18 -34.41 13.36
C VAL C 70 -13.81 -33.08 12.73
N PHE C 71 -14.41 -32.75 11.58
CA PHE C 71 -14.19 -31.45 10.97
C PHE C 71 -14.39 -30.33 11.98
N TYR C 72 -15.43 -30.43 12.81
CA TYR C 72 -15.64 -29.37 13.78
C TYR C 72 -14.52 -29.33 14.83
N PHE C 73 -14.18 -30.49 15.38
CA PHE C 73 -13.12 -30.54 16.39
C PHE C 73 -11.77 -30.10 15.82
N LEU C 74 -11.43 -30.57 14.63
CA LEU C 74 -10.19 -30.12 13.99
C LEU C 74 -10.24 -28.62 13.75
N CYS C 75 -11.38 -28.13 13.25
CA CYS C 75 -11.49 -26.71 12.95
C CYS C 75 -11.34 -25.84 14.19
N SER C 76 -11.74 -26.34 15.35
CA SER C 76 -11.59 -25.56 16.59
C SER C 76 -10.21 -25.74 17.20
N LEU C 77 -9.76 -26.99 17.37
CA LEU C 77 -8.42 -27.23 17.91
C LEU C 77 -7.32 -26.62 17.04
N ARG C 78 -7.58 -26.34 15.77
CA ARG C 78 -6.55 -25.77 14.90
C ARG C 78 -6.02 -24.49 15.51
N ARG C 79 -4.73 -24.48 15.81
CA ARG C 79 -4.04 -23.42 16.48
C ARG C 79 -2.57 -23.71 16.29
N ASN C 80 -1.72 -22.69 16.54
CA ASN C 80 -0.26 -22.87 16.56
C ASN C 80 0.11 -23.54 17.88
N LEU C 81 0.66 -24.76 17.80
CA LEU C 81 0.98 -25.54 18.99
C LEU C 81 2.37 -25.23 19.54
N LEU C 82 3.18 -24.49 18.79
CA LEU C 82 4.43 -23.98 19.34
C LEU C 82 4.15 -22.74 20.16
N ARG C 83 4.72 -22.68 21.36
CA ARG C 83 4.49 -21.59 22.28
C ARG C 83 5.68 -20.65 22.27
N ASN C 84 5.39 -19.34 22.34
CA ASN C 84 6.37 -18.27 22.27
C ASN C 84 7.18 -18.35 20.98
N PRO C 85 6.55 -18.24 19.82
CA PRO C 85 7.32 -18.38 18.58
C PRO C 85 8.13 -17.14 18.20
N CYS C 86 7.63 -15.96 18.49
CA CYS C 86 8.25 -14.73 17.99
C CYS C 86 8.89 -13.96 19.12
N ALA C 87 9.40 -14.70 20.11
CA ALA C 87 10.31 -14.17 21.13
C ALA C 87 9.71 -12.99 21.86
N GLU C 88 8.37 -12.89 21.91
CA GLU C 88 7.73 -11.81 22.64
C GLU C 88 7.66 -12.11 24.13
N GLU C 89 7.99 -13.33 24.54
CA GLU C 89 8.11 -13.70 25.95
C GLU C 89 9.51 -14.19 26.25
N ASP C 90 10.51 -13.62 25.58
CA ASP C 90 11.89 -14.05 25.67
C ASP C 90 11.98 -15.56 25.48
N MET C 91 12.58 -16.26 26.44
CA MET C 91 12.97 -17.65 26.21
C MET C 91 12.02 -18.66 26.86
N LYS C 92 10.79 -18.25 27.16
CA LYS C 92 9.89 -19.15 27.85
C LYS C 92 9.29 -20.17 26.88
N SER C 93 8.92 -21.31 27.45
CA SER C 93 8.29 -22.42 26.76
C SER C 93 9.27 -23.17 25.88
N TRP C 94 10.46 -22.61 25.68
CA TRP C 94 11.45 -23.22 24.80
C TRP C 94 12.46 -23.97 25.65
N LYS C 95 12.87 -25.13 25.19
CA LYS C 95 13.89 -25.90 25.86
C LYS C 95 15.19 -25.77 25.08
N ILE C 96 16.29 -25.65 25.80
CA ILE C 96 17.55 -25.31 25.16
C ILE C 96 18.42 -26.53 25.11
N ASP C 97 18.36 -27.24 23.98
CA ASP C 97 19.16 -28.46 23.79
C ASP C 97 20.65 -28.16 23.70
N SER C 98 21.02 -27.01 23.13
CA SER C 98 22.40 -26.56 23.18
C SER C 98 22.39 -25.05 23.29
N ASN C 99 23.26 -24.52 24.15
CA ASN C 99 23.38 -23.09 24.40
C ASN C 99 24.84 -22.68 24.30
N GLY C 100 25.45 -23.05 23.18
CA GLY C 100 26.86 -22.77 23.00
C GLY C 100 27.16 -21.28 22.86
N GLY C 101 28.45 -20.96 23.07
CA GLY C 101 28.94 -19.62 22.76
C GLY C 101 28.47 -18.62 23.79
N ASP C 102 28.25 -17.38 23.36
CA ASP C 102 27.35 -16.53 24.13
C ASP C 102 25.96 -17.16 24.04
N GLN C 103 24.99 -16.65 24.77
CA GLN C 103 23.86 -17.57 24.84
C GLN C 103 22.93 -17.47 23.62
N TRP C 104 21.83 -18.18 23.67
CA TRP C 104 20.67 -17.72 22.94
C TRP C 104 20.32 -16.32 23.44
N LYS C 105 19.79 -15.50 22.55
CA LYS C 105 19.44 -14.14 22.95
C LYS C 105 18.29 -13.63 22.09
N VAL C 106 17.47 -12.77 22.68
CA VAL C 106 16.37 -12.14 21.96
C VAL C 106 16.78 -10.73 21.55
N GLU C 107 16.49 -10.37 20.30
CA GLU C 107 16.82 -9.07 19.74
C GLU C 107 15.63 -8.57 18.93
N SER C 108 15.54 -7.24 18.75
CA SER C 108 14.43 -6.64 18.02
C SER C 108 14.76 -6.51 16.54
N LEU C 109 13.76 -6.76 15.70
CA LEU C 109 13.93 -6.54 14.27
C LEU C 109 14.03 -5.05 13.99
N PRO C 110 14.84 -4.67 12.98
CA PRO C 110 15.56 -5.57 12.06
C PRO C 110 16.92 -6.01 12.59
N GLY C 111 17.48 -5.30 13.55
CA GLY C 111 18.75 -5.69 14.13
C GLY C 111 19.92 -5.23 13.29
N ALA C 112 21.11 -5.32 13.90
CA ALA C 112 22.32 -4.91 13.20
C ALA C 112 22.56 -5.78 11.99
N HIS C 113 22.76 -5.14 10.85
CA HIS C 113 23.06 -5.84 9.61
C HIS C 113 21.98 -6.86 9.22
N GLY C 114 20.81 -6.73 9.83
CA GLY C 114 19.68 -7.54 9.45
C GLY C 114 18.60 -6.69 8.84
N THR C 115 17.74 -7.34 8.06
CA THR C 115 16.57 -6.73 7.47
C THR C 115 15.31 -7.14 8.23
N GLY C 116 14.25 -6.37 8.04
CA GLY C 116 13.03 -6.64 8.76
C GLY C 116 12.30 -7.86 8.24
N PHE C 117 11.37 -8.32 9.05
CA PHE C 117 10.57 -9.50 8.78
C PHE C 117 9.43 -9.17 7.81
N PRO C 118 9.08 -10.08 6.88
CA PRO C 118 8.02 -9.77 5.92
C PRO C 118 6.69 -9.46 6.58
N ASP C 119 6.36 -10.13 7.67
CA ASP C 119 5.14 -9.86 8.42
C ASP C 119 5.43 -8.83 9.49
N SER C 120 4.70 -7.72 9.46
CA SER C 120 5.00 -6.60 10.33
C SER C 120 4.68 -6.89 11.79
N LYS C 121 3.75 -7.82 12.05
CA LYS C 121 3.42 -8.21 13.42
C LYS C 121 4.63 -8.73 14.18
N VAL C 122 5.63 -9.27 13.47
CA VAL C 122 6.78 -9.88 14.12
C VAL C 122 7.80 -8.80 14.43
N LYS C 123 8.10 -8.63 15.72
CA LYS C 123 8.93 -7.55 16.20
C LYS C 123 10.31 -7.98 16.68
N LYS C 124 10.44 -9.19 17.19
CA LYS C 124 11.65 -9.69 17.83
C LYS C 124 12.06 -10.99 17.15
N TYR C 125 13.19 -11.57 17.59
CA TYR C 125 13.65 -12.86 17.10
C TYR C 125 14.67 -13.44 18.06
N PHE C 126 14.82 -14.76 18.01
CA PHE C 126 15.90 -15.44 18.71
C PHE C 126 17.15 -15.43 17.85
N VAL C 127 18.32 -15.36 18.50
CA VAL C 127 19.57 -15.29 17.75
C VAL C 127 20.64 -16.12 18.46
N THR C 128 21.48 -16.79 17.66
CA THR C 128 22.44 -17.79 18.11
C THR C 128 23.85 -17.22 18.08
N SER C 129 24.83 -18.03 18.46
CA SER C 129 26.16 -17.52 18.77
C SER C 129 27.27 -18.24 17.96
N TYR C 130 28.52 -18.03 18.38
CA TYR C 130 29.65 -18.60 17.65
C TYR C 130 29.84 -20.11 17.91
N ASP C 131 29.09 -20.72 18.84
CA ASP C 131 28.98 -22.17 18.95
C ASP C 131 27.51 -22.57 19.02
N MET C 132 27.29 -23.89 19.03
CA MET C 132 25.96 -24.46 18.78
C MET C 132 24.91 -23.92 19.71
N CYS C 133 23.87 -23.32 19.13
CA CYS C 133 22.67 -22.97 19.88
C CYS C 133 21.47 -23.68 19.27
N LEU C 134 20.71 -24.37 20.11
CA LEU C 134 19.59 -25.19 19.64
C LEU C 134 18.49 -25.10 20.67
N LYS C 135 17.32 -24.62 20.26
CA LYS C 135 16.14 -24.69 21.11
C LYS C 135 15.09 -25.57 20.45
N SER C 136 14.11 -25.99 21.26
CA SER C 136 13.13 -26.95 20.79
C SER C 136 11.90 -26.92 21.69
N GLN C 137 10.84 -27.60 21.22
CA GLN C 137 9.62 -27.83 21.98
C GLN C 137 9.04 -29.17 21.55
N ILE C 138 8.37 -29.86 22.47
CA ILE C 138 7.88 -31.21 22.27
C ILE C 138 6.40 -31.17 22.57
N ILE C 139 5.58 -31.12 21.52
CA ILE C 139 4.13 -31.01 21.65
C ILE C 139 3.56 -32.38 21.97
N ASP C 140 2.89 -32.48 23.12
CA ASP C 140 2.06 -33.63 23.47
C ASP C 140 0.73 -33.48 22.74
N LEU C 141 0.46 -34.39 21.79
CA LEU C 141 -0.69 -34.18 20.90
C LEU C 141 -1.99 -34.40 21.65
N LYS C 142 -2.06 -35.45 22.47
CA LYS C 142 -3.28 -35.68 23.25
C LYS C 142 -3.53 -34.52 24.20
N ALA C 143 -2.47 -34.07 24.88
CA ALA C 143 -2.62 -32.97 25.83
C ALA C 143 -3.12 -31.70 25.14
N GLU C 144 -2.86 -31.54 23.84
CA GLU C 144 -3.34 -30.38 23.11
C GLU C 144 -4.75 -30.58 22.56
N GLY C 145 -5.31 -31.79 22.68
CA GLY C 145 -6.69 -32.04 22.32
C GLY C 145 -6.93 -32.99 21.17
N TYR C 146 -5.88 -33.58 20.62
CA TYR C 146 -5.97 -34.48 19.47
C TYR C 146 -5.91 -35.92 19.98
N TRP C 147 -7.02 -36.64 19.85
CA TRP C 147 -7.18 -37.96 20.46
C TRP C 147 -6.61 -39.07 19.57
N GLU C 148 -6.53 -40.27 20.17
CA GLU C 148 -5.81 -41.38 19.54
C GLU C 148 -6.46 -41.80 18.23
N GLU C 149 -7.79 -41.88 18.19
CA GLU C 149 -8.47 -42.37 17.01
C GLU C 149 -8.21 -41.47 15.79
N LEU C 150 -7.88 -40.22 16.02
CA LEU C 150 -7.68 -39.21 14.98
C LEU C 150 -6.26 -39.21 14.44
N LEU C 151 -5.26 -39.29 15.33
CA LEU C 151 -3.88 -39.41 14.91
C LEU C 151 -3.60 -40.77 14.28
N ASP C 152 -4.53 -41.71 14.43
CA ASP C 152 -4.35 -43.07 13.96
C ASP C 152 -5.24 -43.40 12.78
N LYS C 153 -6.53 -43.07 12.85
CA LYS C 153 -7.48 -43.47 11.82
C LYS C 153 -7.83 -42.37 10.83
N PHE C 154 -7.59 -41.10 11.16
CA PHE C 154 -7.89 -40.01 10.24
C PHE C 154 -6.65 -39.32 9.69
N ARG C 155 -5.66 -39.01 10.55
CA ARG C 155 -4.35 -38.51 10.15
C ARG C 155 -4.43 -37.15 9.45
N PRO C 156 -4.87 -36.13 10.18
CA PRO C 156 -4.93 -34.80 9.58
C PRO C 156 -3.53 -34.33 9.20
N ASP C 157 -3.44 -33.66 8.05
CA ASP C 157 -2.18 -33.05 7.66
C ASP C 157 -1.64 -32.19 8.79
N ILE C 158 -0.38 -32.40 9.13
CA ILE C 158 0.34 -31.59 10.11
C ILE C 158 1.33 -30.72 9.34
N VAL C 159 1.16 -29.41 9.45
CA VAL C 159 1.94 -28.44 8.70
C VAL C 159 2.88 -27.71 9.65
N VAL C 160 4.13 -27.62 9.26
CA VAL C 160 5.20 -27.14 10.13
C VAL C 160 6.00 -26.10 9.37
N LYS C 161 6.26 -24.96 10.00
CA LYS C 161 6.95 -23.85 9.35
C LYS C 161 7.93 -23.18 10.31
N ASP C 162 8.90 -22.50 9.72
CA ASP C 162 9.92 -21.79 10.46
C ASP C 162 10.44 -20.67 9.58
N TRP C 163 11.24 -19.77 10.18
CA TRP C 163 11.82 -18.62 9.50
C TRP C 163 13.22 -18.35 10.03
N PHE C 164 14.14 -18.00 9.14
CA PHE C 164 15.50 -17.77 9.61
C PHE C 164 16.20 -16.76 8.71
N ALA C 165 17.25 -16.14 9.25
CA ALA C 165 17.96 -15.08 8.55
C ALA C 165 19.35 -14.93 9.12
N PRO C 166 20.32 -14.57 8.31
CA PRO C 166 21.64 -14.15 8.78
C PRO C 166 21.74 -12.65 9.07
N ARG C 167 22.90 -12.28 9.59
CA ARG C 167 23.36 -10.90 9.47
C ARG C 167 24.22 -10.79 8.23
N ALA C 168 24.16 -9.63 7.59
CA ALA C 168 24.89 -9.45 6.35
C ALA C 168 26.39 -9.59 6.52
N ASP C 169 26.92 -9.26 7.71
CA ASP C 169 28.36 -9.11 7.90
C ASP C 169 29.02 -10.34 8.47
N CYS C 170 28.38 -11.50 8.42
CA CYS C 170 28.96 -12.70 8.99
C CYS C 170 28.17 -13.89 8.51
N GLY C 171 28.88 -14.93 8.12
CA GLY C 171 28.27 -16.18 7.73
C GLY C 171 27.86 -17.03 8.91
N CYS C 172 27.11 -18.09 8.62
CA CYS C 172 26.54 -18.96 9.66
C CYS C 172 25.92 -20.22 9.03
N THR C 173 25.36 -21.08 9.90
CA THR C 173 24.64 -22.29 9.52
C THR C 173 23.36 -22.40 10.30
N TYR C 174 22.25 -22.68 9.60
CA TYR C 174 20.94 -22.91 10.20
C TYR C 174 20.61 -24.39 10.09
N GLN C 175 20.00 -24.92 11.15
CA GLN C 175 19.51 -26.28 11.17
C GLN C 175 18.09 -26.27 11.71
N ILE C 176 17.29 -27.20 11.20
CA ILE C 176 15.96 -27.47 11.74
C ILE C 176 15.69 -28.96 11.58
N ARG C 177 15.08 -29.54 12.60
CA ARG C 177 14.60 -30.91 12.56
C ARG C 177 13.22 -30.91 13.20
N VAL C 178 12.23 -31.46 12.51
CA VAL C 178 10.89 -31.64 13.05
C VAL C 178 10.51 -33.09 12.92
N GLN C 179 10.13 -33.70 14.04
CA GLN C 179 9.90 -35.13 14.06
C GLN C 179 8.52 -35.44 14.63
N LEU C 180 7.98 -36.58 14.18
CA LEU C 180 6.74 -37.13 14.70
C LEU C 180 7.10 -38.40 15.46
N ALA C 181 6.63 -38.51 16.71
CA ALA C 181 7.08 -39.56 17.60
C ALA C 181 5.91 -40.33 18.18
N SER C 182 6.14 -41.64 18.41
CA SER C 182 5.21 -42.47 19.16
C SER C 182 5.18 -42.05 20.62
N ALA C 183 4.26 -42.63 21.39
CA ALA C 183 4.35 -42.47 22.83
C ALA C 183 5.62 -43.12 23.40
N ASP C 184 6.24 -44.02 22.64
CA ASP C 184 7.58 -44.52 22.93
C ASP C 184 8.64 -43.43 22.82
N TYR C 185 8.27 -42.25 22.32
CA TYR C 185 9.23 -41.23 21.93
C TYR C 185 10.18 -41.77 20.86
N LEU C 186 9.63 -42.59 19.97
CA LEU C 186 10.38 -43.11 18.85
C LEU C 186 9.94 -42.38 17.60
N VAL C 187 10.90 -42.04 16.75
CA VAL C 187 10.63 -41.22 15.58
C VAL C 187 9.87 -42.03 14.54
N LEU C 188 8.72 -41.52 14.09
CA LEU C 188 7.93 -42.17 13.05
C LEU C 188 7.89 -41.39 11.75
N ALA C 189 8.03 -40.06 11.82
CA ALA C 189 8.25 -39.22 10.66
C ALA C 189 9.38 -38.27 11.02
N SER C 190 10.13 -37.83 10.02
CA SER C 190 11.26 -36.96 10.32
C SER C 190 11.49 -35.98 9.18
N PHE C 191 11.31 -34.70 9.45
CA PHE C 191 11.76 -33.64 8.54
C PHE C 191 13.17 -33.19 8.92
N GLU C 192 14.17 -33.60 8.13
CA GLU C 192 15.59 -33.38 8.41
C GLU C 192 16.32 -32.75 7.22
N PRO C 193 15.93 -31.54 6.81
CA PRO C 193 16.55 -30.98 5.63
C PRO C 193 18.02 -30.75 5.89
N PRO C 194 18.85 -30.75 4.84
CA PRO C 194 20.27 -30.47 5.06
C PRO C 194 20.45 -29.09 5.66
N PRO C 195 21.43 -28.92 6.53
CA PRO C 195 21.65 -27.60 7.12
C PRO C 195 22.07 -26.62 6.05
N VAL C 196 21.78 -25.35 6.27
CA VAL C 196 22.06 -24.33 5.28
C VAL C 196 23.22 -23.48 5.78
N THR C 197 24.27 -23.40 4.98
CA THR C 197 25.44 -22.55 5.25
C THR C 197 25.36 -21.34 4.35
N ILE C 198 25.47 -20.16 4.91
CA ILE C 198 25.55 -18.97 4.07
C ILE C 198 26.76 -18.13 4.46
N HIS C 199 27.29 -17.42 3.47
CA HIS C 199 28.61 -16.86 3.61
C HIS C 199 28.55 -15.41 4.05
N GLN C 200 29.71 -14.86 4.33
CA GLN C 200 29.74 -13.50 4.79
C GLN C 200 29.41 -12.58 3.63
N TRP C 201 28.87 -11.39 3.98
CA TRP C 201 28.39 -10.42 3.00
C TRP C 201 27.26 -11.03 2.18
N ASN C 202 26.14 -11.26 2.86
CA ASN C 202 24.95 -11.89 2.29
C ASN C 202 23.75 -10.93 2.30
N ASP C 203 22.63 -11.43 1.77
CA ASP C 203 21.43 -10.62 1.57
C ASP C 203 20.69 -10.34 2.87
N ALA C 204 21.03 -11.03 3.96
CA ALA C 204 20.38 -10.84 5.26
C ALA C 204 18.87 -11.10 5.20
N LYS C 205 18.42 -11.93 4.25
CA LYS C 205 16.99 -12.04 3.94
C LYS C 205 16.34 -13.11 4.80
N TRP C 206 15.08 -12.88 5.10
CA TRP C 206 14.27 -13.81 5.86
C TRP C 206 13.67 -14.86 4.94
N THR C 207 13.89 -16.13 5.28
CA THR C 207 13.50 -17.26 4.46
C THR C 207 12.63 -18.22 5.28
N GLU C 208 11.52 -18.64 4.69
CA GLU C 208 10.58 -19.54 5.35
C GLU C 208 10.90 -20.97 4.94
N VAL C 209 11.08 -21.84 5.92
CA VAL C 209 11.21 -23.27 5.67
C VAL C 209 9.89 -23.88 6.13
N SER C 210 9.27 -24.69 5.28
CA SER C 210 7.98 -25.23 5.64
C SER C 210 7.83 -26.64 5.08
N HIS C 211 7.00 -27.41 5.77
CA HIS C 211 6.86 -28.82 5.48
C HIS C 211 5.52 -29.29 5.98
N THR C 212 4.77 -29.99 5.11
CA THR C 212 3.54 -30.67 5.49
C THR C 212 3.82 -32.13 5.77
N PHE C 213 3.59 -32.57 7.01
CA PHE C 213 3.51 -33.99 7.31
C PHE C 213 2.13 -34.48 6.88
N SER C 214 2.08 -35.38 5.91
CA SER C 214 0.80 -35.84 5.38
C SER C 214 0.85 -37.35 5.18
N ASP C 215 -0.24 -38.02 5.55
CA ASP C 215 -0.31 -39.47 5.48
C ASP C 215 0.85 -40.11 6.24
N TYR C 216 1.04 -39.63 7.45
CA TYR C 216 2.13 -40.11 8.30
C TYR C 216 1.74 -41.48 8.84
N PRO C 217 2.64 -42.13 9.57
CA PRO C 217 2.30 -43.39 10.20
C PRO C 217 1.26 -43.21 11.29
N PRO C 218 0.65 -44.30 11.74
CA PRO C 218 -0.22 -44.22 12.92
C PRO C 218 0.57 -44.34 14.21
N GLY C 219 -0.05 -43.84 15.28
CA GLY C 219 0.58 -43.87 16.57
C GLY C 219 1.34 -42.62 16.91
N VAL C 220 1.18 -41.57 16.10
CA VAL C 220 1.86 -40.31 16.35
C VAL C 220 1.18 -39.64 17.55
N ARG C 221 1.96 -39.41 18.60
CA ARG C 221 1.44 -38.85 19.84
C ARG C 221 2.13 -37.57 20.24
N HIS C 222 3.20 -37.18 19.52
CA HIS C 222 4.15 -36.13 19.90
C HIS C 222 4.78 -35.51 18.65
N ILE C 223 4.86 -34.16 18.61
CA ILE C 223 5.57 -33.42 17.56
C ILE C 223 6.76 -32.73 18.19
N PHE C 224 7.95 -32.92 17.61
CA PHE C 224 9.20 -32.41 18.16
C PHE C 224 9.84 -31.43 17.19
N PHE C 225 10.00 -30.18 17.63
CA PHE C 225 10.45 -29.07 16.77
C PHE C 225 11.73 -28.48 17.35
N GLN C 226 12.86 -28.66 16.65
CA GLN C 226 14.16 -28.17 17.11
C GLN C 226 14.92 -27.45 16.02
N HIS C 227 15.48 -26.30 16.35
CA HIS C 227 16.24 -25.53 15.36
C HIS C 227 17.32 -24.71 16.07
N GLY C 228 18.19 -24.13 15.27
CA GLY C 228 19.28 -23.32 15.81
C GLY C 228 20.42 -23.22 14.82
N GLY C 229 21.60 -22.90 15.35
CA GLY C 229 22.76 -22.72 14.50
C GLY C 229 23.93 -22.13 15.27
N LYS C 230 24.95 -21.79 14.50
CA LYS C 230 26.10 -21.05 14.99
C LYS C 230 26.65 -20.29 13.81
N ASP C 231 27.50 -19.30 14.08
CA ASP C 231 28.13 -18.64 12.95
C ASP C 231 29.28 -19.50 12.41
N THR C 232 29.79 -19.10 11.26
CA THR C 232 30.95 -19.76 10.67
C THR C 232 32.18 -18.88 10.70
N GLN C 233 32.28 -17.99 11.67
CA GLN C 233 33.48 -17.20 11.82
C GLN C 233 34.09 -17.20 13.21
N PHE C 234 33.42 -17.73 14.23
CA PHE C 234 33.88 -17.68 15.63
C PHE C 234 33.98 -16.22 16.07
N TRP C 235 32.83 -15.56 16.08
CA TRP C 235 32.73 -14.18 16.49
C TRP C 235 31.99 -14.12 17.81
N ALA C 236 32.58 -13.48 18.80
CA ALA C 236 31.83 -13.18 20.00
C ALA C 236 30.59 -12.38 19.62
N GLY C 237 29.52 -12.54 20.40
CA GLY C 237 28.28 -11.86 20.09
C GLY C 237 27.22 -12.77 19.51
N TRP C 238 26.31 -12.23 18.66
CA TRP C 238 25.22 -13.07 18.09
C TRP C 238 25.18 -12.91 16.60
N TYR C 239 26.09 -13.62 15.90
CA TYR C 239 26.23 -13.50 14.46
C TYR C 239 25.71 -14.70 13.73
N GLY C 240 25.50 -15.81 14.42
CA GLY C 240 24.85 -16.95 13.85
C GLY C 240 23.42 -16.64 13.47
N PRO C 241 22.67 -17.67 13.07
CA PRO C 241 21.33 -17.46 12.50
C PRO C 241 20.37 -16.83 13.49
N ARG C 242 19.42 -16.08 12.93
CA ARG C 242 18.24 -15.61 13.65
C ARG C 242 17.03 -16.37 13.15
N VAL C 243 16.16 -16.76 14.06
CA VAL C 243 14.95 -17.48 13.69
C VAL C 243 13.77 -16.89 14.44
N THR C 244 12.60 -16.98 13.82
CA THR C 244 11.40 -16.47 14.44
C THR C 244 10.20 -17.08 13.72
N ASN C 245 9.02 -16.84 14.30
CA ASN C 245 7.74 -17.13 13.66
C ASN C 245 7.54 -18.61 13.34
N SER C 246 7.95 -19.48 14.25
CA SER C 246 7.81 -20.92 14.03
C SER C 246 6.36 -21.35 14.23
N SER C 247 5.98 -22.46 13.60
CA SER C 247 4.58 -22.87 13.73
C SER C 247 4.40 -24.35 13.45
N VAL C 248 3.58 -24.98 14.29
CA VAL C 248 3.06 -26.33 14.10
C VAL C 248 1.55 -26.24 14.19
N VAL C 249 0.86 -26.57 13.10
CA VAL C 249 -0.59 -26.41 13.00
C VAL C 249 -1.21 -27.66 12.39
N ILE C 250 -2.28 -28.16 12.99
CA ILE C 250 -2.92 -29.36 12.48
C ILE C 250 -4.19 -28.95 11.72
N SER C 251 -4.26 -29.34 10.44
CA SER C 251 -5.31 -28.88 9.54
C SER C 251 -6.49 -29.84 9.54
N HIS C 252 -7.58 -29.36 8.94
CA HIS C 252 -8.79 -30.17 8.83
C HIS C 252 -8.60 -31.31 7.85
N ARG C 253 -7.74 -31.12 6.85
CA ARG C 253 -7.52 -32.15 5.84
C ARG C 253 -7.01 -33.43 6.47
N VAL C 254 -7.83 -34.49 6.46
CA VAL C 254 -7.42 -35.82 6.88
C VAL C 254 -7.03 -36.60 5.62
N THR C 255 -6.10 -37.51 5.76
CA THR C 255 -5.73 -38.33 4.61
C THR C 255 -6.61 -39.58 4.49
N ARG C 256 -7.38 -39.90 5.52
CA ARG C 256 -8.17 -41.12 5.56
C ARG C 256 -9.55 -40.79 6.11
N ASN C 257 -10.61 -41.08 5.35
CA ASN C 257 -11.98 -40.80 5.74
C ASN C 257 -12.70 -42.13 5.95
N PRO C 258 -12.73 -42.66 7.19
CA PRO C 258 -13.51 -43.86 7.52
C PRO C 258 -15.03 -43.72 7.20
#